data_5IF4
#
_entry.id   5IF4
#
_cell.length_a   39.748
_cell.length_b   87.842
_cell.length_c   54.072
_cell.angle_alpha   90.00
_cell.angle_beta   99.68
_cell.angle_gamma   90.00
#
_symmetry.space_group_name_H-M   'P 1 21 1'
#
loop_
_entity.id
_entity.type
_entity.pdbx_description
1 polymer 'Induced myeloid leukemia cell differentiation protein Mcl-1'
2 non-polymer '4-{8-chloro-11-[3-(4-chloro-3,5-dimethylphenoxy)propyl]-1-oxo-7-(1,3,5-trimethyl-1H-pyrazol-4-yl)-4,5-dihydro-1H-[1,4]diazepino[1,2-a]indol-2(3H)-yl}-1-methyl-1H-indole-6-carboxylic acid'
3 water water
#
_entity_poly.entity_id   1
_entity_poly.type   'polypeptide(L)'
_entity_poly.pdbx_seq_one_letter_code
;GADDELYRQSLEIISRYLREQATGAKDTKPMGRSGATSRKALETLRRVGDGVQRNHETAFQGMLRKLDIKNEDDVKSLSR
VMIHVFSDGVTNWGRIVTLISFGAFVAKHLKTINQESCIEPLAESITDVLVRTKRDWLVKQRGWDGFVEFFHVEDLEGG
;
_entity_poly.pdbx_strand_id   A,B
#
loop_
_chem_comp.id
_chem_comp.type
_chem_comp.name
_chem_comp.formula
6AK non-polymer '4-{8-chloro-11-[3-(4-chloro-3,5-dimethylphenoxy)propyl]-1-oxo-7-(1,3,5-trimethyl-1H-pyrazol-4-yl)-4,5-dihydro-1H-[1,4]diazepino[1,2-a]indol-2(3H)-yl}-1-methyl-1H-indole-6-carboxylic acid' 'C39 H39 Cl2 N5 O4'
#
# COMPACT_ATOMS: atom_id res chain seq x y z
N ASP A 4 22.96 9.35 -12.61
CA ASP A 4 22.43 8.01 -12.40
C ASP A 4 22.02 7.34 -13.73
N GLU A 5 22.96 6.64 -14.36
CA GLU A 5 22.71 6.09 -15.70
C GLU A 5 21.80 4.88 -15.67
N LEU A 6 21.88 4.07 -14.60
CA LEU A 6 20.98 2.94 -14.48
C LEU A 6 19.54 3.41 -14.43
N TYR A 7 19.26 4.47 -13.66
CA TYR A 7 17.90 4.96 -13.54
C TYR A 7 17.40 5.48 -14.88
N ARG A 8 18.25 6.20 -15.60
CA ARG A 8 17.79 6.78 -16.85
C ARG A 8 17.53 5.69 -17.89
N GLN A 9 18.40 4.68 -17.96
CA GLN A 9 18.16 3.58 -18.88
C GLN A 9 16.87 2.83 -18.53
N SER A 10 16.73 2.46 -17.24
CA SER A 10 15.54 1.75 -16.79
C SER A 10 14.27 2.54 -17.11
N LEU A 11 14.31 3.86 -16.89
CA LEU A 11 13.12 4.67 -17.13
C LEU A 11 12.82 4.78 -18.62
N GLU A 12 13.84 4.76 -19.48
CA GLU A 12 13.49 4.85 -20.89
C GLU A 12 12.83 3.56 -21.36
N ILE A 13 13.37 2.42 -20.90
CA ILE A 13 12.75 1.14 -21.24
C ILE A 13 11.33 1.06 -20.70
N ILE A 14 11.18 1.27 -19.39
CA ILE A 14 9.88 1.12 -18.74
C ILE A 14 8.85 2.11 -19.31
N SER A 15 9.27 3.36 -19.52
CA SER A 15 8.37 4.37 -20.06
C SER A 15 7.89 3.98 -21.45
N ARG A 16 8.81 3.52 -22.31
CA ARG A 16 8.40 3.13 -23.66
C ARG A 16 7.48 1.91 -23.64
N TYR A 17 7.76 0.93 -22.77
CA TYR A 17 6.89 -0.24 -22.72
C TYR A 17 5.50 0.15 -22.24
N LEU A 18 5.43 1.03 -21.25
CA LEU A 18 4.12 1.41 -20.70
C LEU A 18 3.31 2.24 -21.68
N ARG A 19 3.92 3.26 -22.29
CA ARG A 19 3.14 4.09 -23.20
C ARG A 19 2.75 3.33 -24.45
N GLU A 20 3.61 2.42 -24.89
CA GLU A 20 3.28 1.65 -26.08
C GLU A 20 2.19 0.64 -25.78
N GLN A 21 2.18 0.07 -24.58
CA GLN A 21 1.07 -0.82 -24.24
C GLN A 21 -0.23 -0.04 -24.14
N ALA A 22 -0.18 1.19 -23.65
CA ALA A 22 -1.40 1.98 -23.45
C ALA A 22 -1.97 2.54 -24.76
N THR A 23 -1.12 2.90 -25.72
CA THR A 23 -1.57 3.53 -26.97
C THR A 23 -1.57 2.59 -28.18
N GLY A 24 -0.94 1.41 -28.08
CA GLY A 24 -0.81 0.49 -29.20
C GLY A 24 0.18 0.89 -30.26
N ALA A 25 0.93 1.97 -30.06
CA ALA A 25 1.84 2.50 -31.06
C ALA A 25 3.27 2.40 -30.58
N LYS A 26 4.16 1.91 -31.43
CA LYS A 26 5.54 1.87 -31.02
C LYS A 26 6.13 3.25 -31.12
N ASP A 27 7.10 3.52 -30.26
CA ASP A 27 7.80 4.79 -30.27
C ASP A 27 9.04 4.66 -31.16
N THR A 28 9.06 5.41 -32.25
CA THR A 28 10.14 5.30 -33.22
C THR A 28 11.26 6.32 -32.99
N LYS A 29 11.21 7.09 -31.91
CA LYS A 29 12.33 7.99 -31.62
C LYS A 29 13.57 7.15 -31.25
N PRO A 30 14.73 7.47 -31.82
CA PRO A 30 15.97 6.80 -31.37
C PRO A 30 16.13 6.78 -29.85
N MET A 31 16.74 5.70 -29.36
CA MET A 31 17.19 5.57 -27.97
C MET A 31 18.49 6.36 -27.73
N GLY A 32 18.81 6.51 -26.44
CA GLY A 32 20.05 7.16 -26.03
C GLY A 32 21.24 6.23 -26.09
N ARG A 33 22.20 6.46 -25.19
CA ARG A 33 23.33 5.55 -25.09
C ARG A 33 22.85 4.18 -24.60
N SER A 34 23.68 3.16 -24.84
CA SER A 34 23.30 1.76 -24.64
C SER A 34 22.03 1.44 -25.41
N GLY A 35 21.95 1.99 -26.63
CA GLY A 35 20.73 1.84 -27.42
C GLY A 35 20.40 0.40 -27.75
N ALA A 36 21.40 -0.37 -28.18
CA ALA A 36 21.15 -1.74 -28.60
C ALA A 36 20.51 -2.54 -27.47
N THR A 37 21.13 -2.52 -26.29
CA THR A 37 20.56 -3.22 -25.13
C THR A 37 19.13 -2.78 -24.84
N SER A 38 18.88 -1.48 -24.80
CA SER A 38 17.54 -1.03 -24.43
C SER A 38 16.51 -1.49 -25.44
N ARG A 39 16.88 -1.51 -26.73
CA ARG A 39 15.95 -1.98 -27.75
C ARG A 39 15.66 -3.47 -27.55
N LYS A 40 16.69 -4.25 -27.21
CA LYS A 40 16.43 -5.67 -27.01
C LYS A 40 15.67 -5.91 -25.70
N ALA A 41 15.82 -5.03 -24.73
CA ALA A 41 15.06 -5.16 -23.49
C ALA A 41 13.59 -4.87 -23.74
N LEU A 42 13.30 -3.93 -24.64
CA LEU A 42 11.92 -3.59 -24.88
C LEU A 42 11.25 -4.69 -25.72
N GLU A 43 11.99 -5.27 -26.68
CA GLU A 43 11.48 -6.44 -27.39
C GLU A 43 11.22 -7.60 -26.43
N THR A 44 12.12 -7.81 -25.48
CA THR A 44 11.88 -8.84 -24.48
C THR A 44 10.57 -8.57 -23.74
N LEU A 45 10.35 -7.31 -23.32
CA LEU A 45 9.10 -7.02 -22.60
C LEU A 45 7.87 -7.17 -23.50
N ARG A 46 7.96 -6.95 -24.81
CA ARG A 46 6.76 -7.19 -25.59
C ARG A 46 6.47 -8.68 -25.72
N ARG A 47 7.49 -9.52 -25.71
CA ARG A 47 7.20 -10.95 -25.82
C ARG A 47 6.72 -11.55 -24.49
N VAL A 48 7.34 -11.17 -23.38
CA VAL A 48 7.04 -11.78 -22.09
C VAL A 48 5.87 -11.08 -21.37
N GLY A 49 5.83 -9.75 -21.44
CA GLY A 49 4.91 -8.99 -20.60
C GLY A 49 3.45 -9.31 -20.85
N ASP A 50 3.07 -9.51 -22.11
CA ASP A 50 1.66 -9.75 -22.39
C ASP A 50 1.22 -11.12 -21.91
N GLY A 51 2.12 -12.11 -21.97
CA GLY A 51 1.84 -13.38 -21.35
C GLY A 51 1.64 -13.24 -19.86
N VAL A 52 2.51 -12.46 -19.21
CA VAL A 52 2.37 -12.23 -17.77
C VAL A 52 1.03 -11.59 -17.44
N GLN A 53 0.63 -10.57 -18.21
CA GLN A 53 -0.63 -9.89 -17.92
C GLN A 53 -1.82 -10.81 -18.11
N ARG A 54 -1.83 -11.61 -19.18
CA ARG A 54 -2.92 -12.55 -19.33
C ARG A 54 -2.93 -13.57 -18.19
N ASN A 55 -1.75 -13.95 -17.72
CA ASN A 55 -1.64 -15.00 -16.70
C ASN A 55 -2.25 -14.55 -15.38
N HIS A 56 -2.04 -13.29 -14.99
CA HIS A 56 -2.48 -12.80 -13.69
C HIS A 56 -3.70 -11.89 -13.80
N GLU A 57 -4.43 -12.01 -14.91
CA GLU A 57 -5.56 -11.15 -15.21
C GLU A 57 -6.49 -10.97 -14.00
N THR A 58 -6.86 -12.06 -13.34
CA THR A 58 -7.75 -11.94 -12.19
C THR A 58 -7.12 -11.09 -11.08
N ALA A 59 -5.88 -11.42 -10.69
CA ALA A 59 -5.22 -10.68 -9.63
C ALA A 59 -4.96 -9.24 -10.05
N PHE A 60 -4.55 -9.03 -11.30
CA PHE A 60 -4.30 -7.68 -11.78
C PHE A 60 -5.58 -6.84 -11.70
N GLN A 61 -6.70 -7.39 -12.19
CA GLN A 61 -7.92 -6.61 -12.16
C GLN A 61 -8.35 -6.32 -10.73
N GLY A 62 -8.25 -7.31 -9.84
CA GLY A 62 -8.59 -7.07 -8.45
C GLY A 62 -7.75 -5.94 -7.85
N MET A 63 -6.45 -5.99 -8.07
CA MET A 63 -5.58 -4.98 -7.47
C MET A 63 -5.86 -3.60 -8.06
N LEU A 64 -6.05 -3.53 -9.38
CA LEU A 64 -6.37 -2.27 -10.02
C LEU A 64 -7.62 -1.64 -9.42
N ARG A 65 -8.67 -2.44 -9.21
CA ARG A 65 -9.88 -1.86 -8.64
C ARG A 65 -9.65 -1.42 -7.20
N LYS A 66 -8.94 -2.24 -6.40
CA LYS A 66 -8.69 -1.86 -5.01
C LYS A 66 -7.85 -0.58 -4.91
N LEU A 67 -7.02 -0.27 -5.92
CA LEU A 67 -6.21 0.93 -5.83
C LEU A 67 -6.97 2.19 -6.23
N ASP A 68 -8.10 2.04 -6.95
CA ASP A 68 -8.97 3.13 -7.38
C ASP A 68 -8.16 4.33 -7.88
N ILE A 69 -7.53 4.17 -9.04
CA ILE A 69 -6.70 5.23 -9.62
C ILE A 69 -7.57 6.11 -10.50
N LYS A 70 -7.44 7.43 -10.32
CA LYS A 70 -8.28 8.39 -11.02
C LYS A 70 -7.56 9.64 -11.51
N ASN A 71 -6.38 9.97 -11.00
CA ASN A 71 -5.71 11.22 -11.35
C ASN A 71 -4.25 11.05 -10.95
N GLU A 72 -3.48 12.14 -11.09
CA GLU A 72 -2.04 12.06 -10.89
C GLU A 72 -1.69 11.99 -9.40
N ASP A 73 -2.52 12.56 -8.53
CA ASP A 73 -2.25 12.47 -7.10
C ASP A 73 -2.40 11.03 -6.61
N ASP A 74 -3.39 10.33 -7.14
CA ASP A 74 -3.49 8.90 -6.89
C ASP A 74 -2.25 8.19 -7.38
N VAL A 75 -1.73 8.58 -8.55
CA VAL A 75 -0.52 7.94 -9.07
C VAL A 75 0.64 8.14 -8.11
N LYS A 76 0.75 9.34 -7.53
CA LYS A 76 1.81 9.55 -6.57
C LYS A 76 1.58 8.84 -5.24
N SER A 77 0.36 8.36 -4.96
CA SER A 77 0.12 7.58 -3.74
C SER A 77 0.26 6.06 -3.94
N LEU A 78 0.83 5.62 -5.07
CA LEU A 78 0.89 4.19 -5.33
C LEU A 78 2.21 3.56 -4.91
N SER A 79 3.26 4.38 -4.69
CA SER A 79 4.58 3.82 -4.42
C SER A 79 4.59 2.96 -3.17
N ARG A 80 3.71 3.23 -2.21
CA ARG A 80 3.77 2.53 -0.92
C ARG A 80 3.33 1.09 -1.04
N VAL A 81 2.21 0.85 -1.72
CA VAL A 81 1.76 -0.51 -1.97
C VAL A 81 2.72 -1.23 -2.91
N MET A 82 3.17 -0.54 -3.95
CA MET A 82 4.18 -1.08 -4.85
C MET A 82 5.39 -1.59 -4.07
N ILE A 83 5.94 -0.74 -3.21
CA ILE A 83 7.09 -1.11 -2.40
C ILE A 83 6.75 -2.30 -1.50
N HIS A 84 5.57 -2.28 -0.88
CA HIS A 84 5.16 -3.40 -0.01
C HIS A 84 5.18 -4.73 -0.77
N VAL A 85 4.55 -4.77 -1.95
CA VAL A 85 4.42 -5.99 -2.74
C VAL A 85 5.75 -6.42 -3.38
N PHE A 86 6.67 -5.49 -3.62
CA PHE A 86 7.85 -5.81 -4.40
C PHE A 86 9.12 -6.01 -3.56
N SER A 87 9.25 -5.36 -2.41
CA SER A 87 10.57 -5.20 -1.81
C SER A 87 11.07 -6.48 -1.14
N ASP A 88 10.27 -7.06 -0.24
CA ASP A 88 10.78 -8.13 0.60
C ASP A 88 10.80 -9.46 -0.14
N GLY A 89 11.76 -10.29 0.24
CA GLY A 89 11.84 -11.64 -0.27
C GLY A 89 12.89 -11.81 -1.37
N VAL A 90 12.69 -12.85 -2.14
CA VAL A 90 13.61 -13.19 -3.20
C VAL A 90 13.42 -12.23 -4.37
N THR A 91 14.51 -11.84 -4.98
CA THR A 91 14.49 -11.08 -6.22
C THR A 91 14.94 -12.00 -7.35
N ASN A 92 14.17 -12.03 -8.43
CA ASN A 92 14.62 -12.66 -9.66
C ASN A 92 14.06 -11.84 -10.81
N TRP A 93 14.50 -12.16 -12.03
CA TRP A 93 14.10 -11.35 -13.18
C TRP A 93 12.60 -11.43 -13.45
N GLY A 94 11.99 -12.60 -13.20
CA GLY A 94 10.54 -12.72 -13.36
C GLY A 94 9.76 -11.78 -12.46
N ARG A 95 10.21 -11.62 -11.21
CA ARG A 95 9.57 -10.66 -10.33
C ARG A 95 9.63 -9.26 -10.94
N ILE A 96 10.77 -8.91 -11.53
CA ILE A 96 10.91 -7.57 -12.09
C ILE A 96 10.02 -7.38 -13.32
N VAL A 97 9.93 -8.43 -14.17
CA VAL A 97 8.98 -8.39 -15.28
C VAL A 97 7.57 -8.25 -14.77
N THR A 98 7.25 -8.82 -13.60
CA THR A 98 5.89 -8.72 -13.10
C THR A 98 5.58 -7.30 -12.63
N LEU A 99 6.52 -6.69 -11.90
CA LEU A 99 6.48 -5.27 -11.61
C LEU A 99 6.15 -4.44 -12.84
N ILE A 100 6.97 -4.58 -13.88
CA ILE A 100 6.77 -3.74 -15.06
C ILE A 100 5.45 -4.08 -15.74
N SER A 101 5.07 -5.37 -15.71
CA SER A 101 3.88 -5.83 -16.41
C SER A 101 2.62 -5.25 -15.80
N PHE A 102 2.52 -5.28 -14.48
CA PHE A 102 1.40 -4.61 -13.85
C PHE A 102 1.46 -3.12 -14.11
N GLY A 103 2.67 -2.55 -14.16
CA GLY A 103 2.80 -1.18 -14.65
C GLY A 103 2.08 -0.95 -15.97
N ALA A 104 2.27 -1.86 -16.93
CA ALA A 104 1.63 -1.73 -18.25
C ALA A 104 0.11 -1.88 -18.15
N PHE A 105 -0.34 -2.85 -17.35
CA PHE A 105 -1.75 -3.02 -17.09
C PHE A 105 -2.39 -1.72 -16.60
N VAL A 106 -1.73 -1.08 -15.63
CA VAL A 106 -2.22 0.18 -15.08
C VAL A 106 -2.16 1.29 -16.11
N ALA A 107 -1.09 1.33 -16.91
CA ALA A 107 -0.97 2.37 -17.95
C ALA A 107 -2.10 2.27 -18.95
N LYS A 108 -2.44 1.05 -19.37
CA LYS A 108 -3.61 0.87 -20.22
C LYS A 108 -4.86 1.45 -19.55
N HIS A 109 -5.04 1.18 -18.25
CA HIS A 109 -6.21 1.72 -17.56
C HIS A 109 -6.22 3.25 -17.61
N LEU A 110 -5.06 3.87 -17.32
CA LEU A 110 -4.98 5.32 -17.28
C LEU A 110 -5.35 5.94 -18.62
N LYS A 111 -4.91 5.30 -19.71
CA LYS A 111 -5.30 5.77 -21.03
C LYS A 111 -6.81 5.64 -21.24
N THR A 112 -7.42 4.56 -20.73
CA THR A 112 -8.86 4.44 -20.93
C THR A 112 -9.67 5.51 -20.18
N ILE A 113 -9.21 5.95 -19.00
CA ILE A 113 -9.99 6.98 -18.29
C ILE A 113 -9.46 8.37 -18.60
N ASN A 114 -8.84 8.49 -19.77
CA ASN A 114 -8.21 9.71 -20.26
C ASN A 114 -7.38 10.41 -19.17
N GLN A 115 -6.36 9.67 -18.71
CA GLN A 115 -5.36 10.18 -17.80
C GLN A 115 -3.97 9.81 -18.31
N GLU A 116 -3.80 9.89 -19.63
CA GLU A 116 -2.52 9.59 -20.26
C GLU A 116 -1.35 10.33 -19.61
N SER A 117 -1.57 11.58 -19.18
CA SER A 117 -0.52 12.35 -18.53
C SER A 117 0.00 11.67 -17.26
N CYS A 118 -0.73 10.72 -16.69
CA CYS A 118 -0.22 10.01 -15.52
C CYS A 118 0.69 8.85 -15.87
N ILE A 119 0.83 8.50 -17.15
CA ILE A 119 1.64 7.34 -17.50
C ILE A 119 3.11 7.59 -17.19
N GLU A 120 3.59 8.80 -17.45
CA GLU A 120 5.02 8.97 -17.25
C GLU A 120 5.37 9.16 -15.78
N PRO A 121 4.53 9.80 -14.95
CA PRO A 121 4.76 9.69 -13.49
C PRO A 121 4.72 8.26 -12.99
N LEU A 122 3.71 7.47 -13.42
CA LEU A 122 3.70 6.03 -13.19
C LEU A 122 5.08 5.41 -13.48
N ALA A 123 5.57 5.60 -14.72
CA ALA A 123 6.86 5.03 -15.10
C ALA A 123 7.97 5.46 -14.15
N GLU A 124 8.02 6.76 -13.83
CA GLU A 124 9.06 7.23 -12.93
C GLU A 124 8.96 6.53 -11.58
N SER A 125 7.74 6.45 -11.04
CA SER A 125 7.58 5.80 -9.75
C SER A 125 8.07 4.36 -9.84
N ILE A 126 7.71 3.66 -10.91
CA ILE A 126 8.13 2.27 -11.03
C ILE A 126 9.65 2.20 -11.07
N THR A 127 10.26 3.02 -11.93
CA THR A 127 11.72 2.97 -12.04
C THR A 127 12.34 3.32 -10.71
N ASP A 128 11.73 4.28 -10.01
CA ASP A 128 12.35 4.75 -8.78
C ASP A 128 12.32 3.65 -7.74
N VAL A 129 11.25 2.86 -7.71
CA VAL A 129 11.18 1.77 -6.75
C VAL A 129 12.18 0.69 -7.13
N LEU A 130 12.30 0.42 -8.44
CA LEU A 130 13.18 -0.64 -8.90
C LEU A 130 14.62 -0.33 -8.52
N VAL A 131 15.14 0.78 -9.06
CA VAL A 131 16.54 1.10 -8.92
C VAL A 131 16.89 1.36 -7.46
N ARG A 132 15.98 1.94 -6.70
CA ARG A 132 16.38 2.22 -5.34
C ARG A 132 16.33 0.99 -4.46
N THR A 133 15.51 -0.02 -4.81
CA THR A 133 15.44 -1.18 -3.92
C THR A 133 16.27 -2.35 -4.41
N LYS A 134 16.62 -2.41 -5.70
CA LYS A 134 17.30 -3.56 -6.28
C LYS A 134 18.62 -3.20 -6.94
N ARG A 135 19.10 -1.97 -6.76
CA ARG A 135 20.28 -1.50 -7.50
C ARG A 135 21.41 -2.52 -7.48
N ASP A 136 21.92 -2.85 -6.28
CA ASP A 136 23.05 -3.77 -6.20
C ASP A 136 22.74 -5.09 -6.91
N TRP A 137 21.53 -5.64 -6.72
CA TRP A 137 21.18 -6.86 -7.44
C TRP A 137 21.27 -6.62 -8.93
N LEU A 138 20.66 -5.53 -9.40
CA LEU A 138 20.74 -5.20 -10.82
C LEU A 138 22.18 -5.15 -11.27
N VAL A 139 23.07 -4.57 -10.45
CA VAL A 139 24.45 -4.45 -10.89
C VAL A 139 25.11 -5.83 -10.98
N LYS A 140 24.84 -6.72 -10.01
CA LYS A 140 25.35 -8.08 -10.12
C LYS A 140 24.68 -8.96 -11.16
N GLN A 141 23.48 -8.63 -11.64
CA GLN A 141 23.00 -9.37 -12.79
C GLN A 141 23.29 -8.63 -14.08
N ARG A 142 24.27 -7.72 -14.05
CA ARG A 142 24.72 -7.00 -15.22
C ARG A 142 23.57 -6.27 -15.90
N GLY A 143 22.66 -5.74 -15.09
CA GLY A 143 21.67 -4.78 -15.58
C GLY A 143 20.81 -5.30 -16.72
N TRP A 144 20.53 -4.40 -17.66
CA TRP A 144 19.62 -4.74 -18.74
C TRP A 144 20.22 -5.75 -19.70
N ASP A 145 21.57 -5.84 -19.79
CA ASP A 145 22.15 -6.93 -20.57
C ASP A 145 21.89 -8.26 -19.90
N GLY A 146 21.91 -8.28 -18.56
CA GLY A 146 21.57 -9.51 -17.85
C GLY A 146 20.12 -9.90 -18.06
N PHE A 147 19.23 -8.91 -18.05
CA PHE A 147 17.81 -9.12 -18.34
C PHE A 147 17.61 -9.75 -19.72
N VAL A 148 18.22 -9.15 -20.73
CA VAL A 148 18.05 -9.63 -22.10
C VAL A 148 18.61 -11.05 -22.22
N GLU A 149 19.79 -11.29 -21.67
CA GLU A 149 20.37 -12.62 -21.77
C GLU A 149 19.49 -13.64 -21.04
N PHE A 150 18.91 -13.24 -19.91
CA PHE A 150 18.04 -14.13 -19.15
C PHE A 150 16.86 -14.63 -19.98
N PHE A 151 16.19 -13.75 -20.72
CA PHE A 151 15.01 -14.23 -21.45
C PHE A 151 15.29 -14.59 -22.91
N HIS A 152 16.54 -14.72 -23.31
CA HIS A 152 16.88 -14.93 -24.73
C HIS A 152 16.97 -16.40 -25.09
N VAL A 153 16.29 -16.79 -26.17
CA VAL A 153 16.38 -18.14 -26.71
C VAL A 153 16.70 -18.05 -28.20
N GLU A 154 17.65 -18.87 -28.65
CA GLU A 154 18.07 -18.88 -30.04
C GLU A 154 17.60 -20.16 -30.74
N ASP B 3 -25.71 9.77 7.20
CA ASP B 3 -25.38 9.47 8.60
C ASP B 3 -25.02 7.97 8.82
N ASP B 4 -23.94 7.72 9.56
CA ASP B 4 -23.28 6.41 9.59
C ASP B 4 -22.81 6.14 11.01
N GLU B 5 -23.67 5.50 11.81
CA GLU B 5 -23.33 5.37 13.22
C GLU B 5 -22.20 4.36 13.42
N LEU B 6 -22.12 3.34 12.54
CA LEU B 6 -20.99 2.43 12.62
C LEU B 6 -19.68 3.18 12.44
N TYR B 7 -19.62 4.08 11.46
CA TYR B 7 -18.41 4.86 11.24
C TYR B 7 -18.14 5.81 12.40
N ARG B 8 -19.18 6.48 12.90
CA ARG B 8 -18.92 7.48 13.95
C ARG B 8 -18.47 6.80 15.25
N GLN B 9 -19.09 5.68 15.61
CA GLN B 9 -18.63 4.91 16.76
C GLN B 9 -17.22 4.36 16.54
N SER B 10 -16.95 3.77 15.38
CA SER B 10 -15.59 3.28 15.13
C SER B 10 -14.56 4.40 15.23
N LEU B 11 -14.88 5.58 14.70
CA LEU B 11 -13.92 6.68 14.77
C LEU B 11 -13.75 7.18 16.20
N GLU B 12 -14.80 7.10 17.02
CA GLU B 12 -14.65 7.51 18.41
C GLU B 12 -13.73 6.56 19.17
N ILE B 13 -13.94 5.25 19.01
CA ILE B 13 -13.07 4.26 19.65
C ILE B 13 -11.64 4.39 19.14
N ILE B 14 -11.47 4.32 17.82
CA ILE B 14 -10.14 4.29 17.24
C ILE B 14 -9.38 5.57 17.56
N SER B 15 -10.06 6.71 17.49
CA SER B 15 -9.41 7.98 17.79
C SER B 15 -8.96 8.05 19.25
N ARG B 16 -9.82 7.62 20.18
CA ARG B 16 -9.41 7.67 21.57
C ARG B 16 -8.25 6.71 21.86
N TYR B 17 -8.27 5.51 21.25
CA TYR B 17 -7.18 4.58 21.49
C TYR B 17 -5.86 5.13 20.96
N LEU B 18 -5.89 5.76 19.77
CA LEU B 18 -4.64 6.25 19.19
C LEU B 18 -4.08 7.44 19.98
N ARG B 19 -4.92 8.44 20.33
CA ARG B 19 -4.36 9.59 21.05
C ARG B 19 -3.94 9.19 22.45
N GLU B 20 -4.61 8.21 23.04
CA GLU B 20 -4.22 7.77 24.36
C GLU B 20 -2.91 6.97 24.32
N GLN B 21 -2.73 6.14 23.29
CA GLN B 21 -1.44 5.44 23.18
C GLN B 21 -0.29 6.41 22.90
N ALA B 22 -0.53 7.44 22.08
CA ALA B 22 0.56 8.34 21.74
C ALA B 22 0.90 9.28 22.89
N THR B 23 -0.10 9.75 23.63
CA THR B 23 0.17 10.72 24.68
C THR B 23 0.23 10.11 26.07
N GLY B 24 -0.24 8.87 26.25
CA GLY B 24 -0.28 8.29 27.58
C GLY B 24 -1.33 8.86 28.51
N ALA B 25 -2.20 9.74 28.02
CA ALA B 25 -3.21 10.41 28.83
C ALA B 25 -4.60 10.00 28.36
N LYS B 26 -5.48 9.63 29.29
CA LYS B 26 -6.84 9.29 28.90
C LYS B 26 -7.60 10.57 28.56
N ASP B 27 -8.56 10.45 27.67
CA ASP B 27 -9.48 11.52 27.32
C ASP B 27 -10.69 11.43 28.24
N THR B 28 -10.93 12.47 29.05
CA THR B 28 -12.01 12.43 30.03
C THR B 28 -13.30 13.06 29.52
N LYS B 29 -13.35 13.52 28.28
CA LYS B 29 -14.59 14.10 27.76
C LYS B 29 -15.65 13.01 27.58
N PRO B 30 -16.91 13.29 27.92
CA PRO B 30 -18.00 12.35 27.70
C PRO B 30 -17.93 11.62 26.38
N MET B 31 -18.34 10.36 26.37
CA MET B 31 -18.55 9.65 25.12
C MET B 31 -19.88 10.10 24.49
N GLY B 32 -20.06 9.80 23.21
CA GLY B 32 -21.30 10.13 22.53
C GLY B 32 -22.44 9.13 22.72
N ARG B 33 -23.04 8.71 21.62
CA ARG B 33 -23.95 7.58 21.64
C ARG B 33 -23.18 6.29 21.90
N SER B 34 -23.84 5.34 22.58
CA SER B 34 -23.24 4.04 22.90
C SER B 34 -21.97 4.21 23.74
N GLY B 35 -22.05 5.10 24.73
CA GLY B 35 -20.88 5.40 25.54
C GLY B 35 -20.37 4.19 26.29
N ALA B 36 -21.28 3.40 26.87
CA ALA B 36 -20.89 2.21 27.61
C ALA B 36 -20.12 1.22 26.72
N THR B 37 -20.68 0.90 25.55
CA THR B 37 -19.99 0.03 24.60
C THR B 37 -18.64 0.61 24.19
N SER B 38 -18.59 1.90 23.87
CA SER B 38 -17.33 2.48 23.42
C SER B 38 -16.27 2.43 24.51
N ARG B 39 -16.69 2.65 25.76
CA ARG B 39 -15.75 2.58 26.88
C ARG B 39 -15.23 1.17 27.08
N LYS B 40 -16.10 0.16 26.94
CA LYS B 40 -15.65 -1.22 27.07
C LYS B 40 -14.83 -1.67 25.86
N ALA B 41 -15.11 -1.14 24.68
CA ALA B 41 -14.28 -1.46 23.53
C ALA B 41 -12.89 -0.87 23.72
N LEU B 42 -12.85 0.30 24.34
CA LEU B 42 -11.55 0.94 24.52
C LEU B 42 -10.75 0.27 25.64
N GLU B 43 -11.40 -0.18 26.74
CA GLU B 43 -10.68 -0.98 27.72
C GLU B 43 -10.14 -2.27 27.09
N THR B 44 -10.95 -2.92 26.27
CA THR B 44 -10.51 -4.13 25.61
C THR B 44 -9.30 -3.85 24.71
N LEU B 45 -9.31 -2.74 23.96
CA LEU B 45 -8.15 -2.43 23.11
C LEU B 45 -6.92 -2.08 23.92
N ARG B 46 -7.07 -1.55 25.14
CA ARG B 46 -5.86 -1.37 25.94
C ARG B 46 -5.34 -2.71 26.45
N ARG B 47 -6.22 -3.66 26.71
CA ARG B 47 -5.70 -4.92 27.23
C ARG B 47 -5.05 -5.73 26.11
N VAL B 48 -5.73 -5.85 24.98
CA VAL B 48 -5.30 -6.72 23.88
C VAL B 48 -4.32 -6.01 22.95
N GLY B 49 -4.58 -4.74 22.65
CA GLY B 49 -3.80 -4.03 21.65
C GLY B 49 -2.34 -3.93 21.98
N ASP B 50 -2.02 -3.75 23.26
CA ASP B 50 -0.61 -3.66 23.65
C ASP B 50 0.08 -5.01 23.54
N GLY B 51 -0.64 -6.09 23.86
CA GLY B 51 -0.11 -7.42 23.61
C GLY B 51 0.19 -7.66 22.14
N VAL B 52 -0.75 -7.27 21.27
CA VAL B 52 -0.53 -7.39 19.83
C VAL B 52 0.69 -6.59 19.41
N GLN B 53 0.83 -5.36 19.93
CA GLN B 53 1.99 -4.57 19.54
C GLN B 53 3.29 -5.22 20.01
N ARG B 54 3.27 -5.90 21.16
CA ARG B 54 4.48 -6.58 21.60
C ARG B 54 4.80 -7.79 20.72
N ASN B 55 3.81 -8.65 20.46
CA ASN B 55 4.05 -9.85 19.67
C ASN B 55 4.55 -9.54 18.27
N HIS B 56 4.07 -8.45 17.66
CA HIS B 56 4.44 -8.09 16.30
C HIS B 56 5.45 -6.94 16.26
N GLU B 57 6.15 -6.71 17.37
CA GLU B 57 7.10 -5.61 17.47
C GLU B 57 8.01 -5.54 16.24
N THR B 58 8.62 -6.68 15.90
CA THR B 58 9.56 -6.67 14.78
C THR B 58 8.88 -6.31 13.46
N ALA B 59 7.76 -6.97 13.14
CA ALA B 59 7.06 -6.70 11.90
C ALA B 59 6.56 -5.26 11.83
N PHE B 60 6.04 -4.76 12.96
CA PHE B 60 5.57 -3.37 13.01
C PHE B 60 6.71 -2.40 12.77
N GLN B 61 7.91 -2.72 13.30
CA GLN B 61 9.05 -1.86 13.06
C GLN B 61 9.42 -1.86 11.59
N GLY B 62 9.47 -3.03 10.98
CA GLY B 62 9.79 -3.11 9.56
C GLY B 62 8.81 -2.30 8.73
N MET B 63 7.52 -2.42 9.04
CA MET B 63 6.54 -1.75 8.21
C MET B 63 6.59 -0.24 8.44
N LEU B 64 6.74 0.20 9.70
CA LEU B 64 6.91 1.63 9.97
C LEU B 64 8.12 2.20 9.23
N ARG B 65 9.22 1.43 9.19
CA ARG B 65 10.41 1.91 8.50
C ARG B 65 10.16 2.03 7.01
N LYS B 66 9.50 1.03 6.41
CA LYS B 66 9.18 1.09 4.99
C LYS B 66 8.25 2.25 4.65
N LEU B 67 7.36 2.65 5.56
CA LEU B 67 6.44 3.70 5.17
C LEU B 67 7.02 5.09 5.30
N ASP B 68 8.10 5.28 6.08
CA ASP B 68 8.79 6.55 6.22
C ASP B 68 7.80 7.72 6.34
N ILE B 69 7.11 7.82 7.46
CA ILE B 69 6.09 8.84 7.67
C ILE B 69 6.73 10.06 8.33
N LYS B 70 6.47 11.24 7.78
CA LYS B 70 7.13 12.46 8.21
C LYS B 70 6.19 13.63 8.42
N ASN B 71 4.97 13.58 7.89
CA ASN B 71 4.05 14.71 7.90
C ASN B 71 2.69 14.21 7.42
N GLU B 72 1.75 15.14 7.26
CA GLU B 72 0.36 14.78 6.99
C GLU B 72 0.17 14.30 5.55
N ASP B 73 0.99 14.75 4.61
CA ASP B 73 0.88 14.24 3.25
C ASP B 73 1.22 12.75 3.18
N ASP B 74 2.22 12.32 3.96
CA ASP B 74 2.52 10.89 4.06
C ASP B 74 1.34 10.13 4.67
N VAL B 75 0.72 10.69 5.71
CA VAL B 75 -0.41 10.00 6.36
C VAL B 75 -1.57 9.84 5.39
N LYS B 76 -1.82 10.85 4.55
CA LYS B 76 -2.96 10.80 3.64
C LYS B 76 -2.76 9.79 2.52
N SER B 77 -1.52 9.35 2.28
CA SER B 77 -1.21 8.43 1.20
C SER B 77 -1.07 7.00 1.70
N LEU B 78 -1.57 6.71 2.90
CA LEU B 78 -1.42 5.37 3.47
C LEU B 78 -2.60 4.45 3.18
N SER B 79 -3.73 4.98 2.71
CA SER B 79 -4.95 4.19 2.60
C SER B 79 -4.78 2.95 1.72
N ARG B 80 -3.95 3.04 0.67
CA ARG B 80 -3.86 1.90 -0.25
C ARG B 80 -3.06 0.74 0.36
N VAL B 81 -1.94 0.98 1.04
CA VAL B 81 -1.24 -0.12 1.70
C VAL B 81 -2.13 -0.74 2.75
N MET B 82 -2.76 0.10 3.56
CA MET B 82 -3.68 -0.39 4.58
C MET B 82 -4.72 -1.31 3.97
N ILE B 83 -5.34 -0.86 2.89
CA ILE B 83 -6.37 -1.66 2.25
C ILE B 83 -5.78 -2.98 1.74
N HIS B 84 -4.62 -2.91 1.08
CA HIS B 84 -3.99 -4.12 0.56
C HIS B 84 -3.77 -5.17 1.65
N VAL B 85 -3.18 -4.76 2.78
CA VAL B 85 -2.85 -5.70 3.86
C VAL B 85 -4.12 -6.20 4.60
N PHE B 86 -5.21 -5.45 4.57
CA PHE B 86 -6.40 -5.74 5.37
C PHE B 86 -7.53 -6.40 4.56
N SER B 87 -7.53 -6.25 3.22
CA SER B 87 -8.75 -6.45 2.44
C SER B 87 -9.14 -7.91 2.26
N ASP B 88 -8.19 -8.79 1.98
CA ASP B 88 -8.56 -10.14 1.58
C ASP B 88 -8.25 -11.17 2.67
N GLY B 89 -8.82 -12.36 2.49
CA GLY B 89 -8.61 -13.45 3.43
C GLY B 89 -9.65 -13.50 4.52
N VAL B 90 -9.28 -14.12 5.62
CA VAL B 90 -10.22 -14.29 6.73
C VAL B 90 -10.33 -12.99 7.52
N THR B 91 -11.55 -12.68 7.93
CA THR B 91 -11.82 -11.57 8.84
C THR B 91 -12.22 -12.12 10.20
N ASN B 92 -11.57 -11.62 11.25
CA ASN B 92 -12.01 -11.83 12.62
C ASN B 92 -11.66 -10.56 13.41
N TRP B 93 -12.10 -10.54 14.68
CA TRP B 93 -11.85 -9.37 15.53
C TRP B 93 -10.36 -9.19 15.79
N GLY B 94 -9.59 -10.29 15.87
CA GLY B 94 -8.15 -10.17 16.04
C GLY B 94 -7.48 -9.40 14.91
N ARG B 95 -7.88 -9.67 13.67
CA ARG B 95 -7.39 -8.88 12.54
C ARG B 95 -7.73 -7.40 12.71
N ILE B 96 -8.94 -7.09 13.20
CA ILE B 96 -9.35 -5.69 13.33
C ILE B 96 -8.53 -5.00 14.45
N VAL B 97 -8.33 -5.70 15.56
CA VAL B 97 -7.45 -5.21 16.61
C VAL B 97 -6.04 -5.04 16.09
N THR B 98 -5.63 -5.84 15.11
CA THR B 98 -4.29 -5.69 14.57
C THR B 98 -4.19 -4.43 13.73
N LEU B 99 -5.23 -4.18 12.91
CA LEU B 99 -5.36 -2.90 12.20
C LEU B 99 -5.16 -1.72 13.15
N ILE B 100 -5.98 -1.68 14.20
CA ILE B 100 -5.96 -0.55 15.11
C ILE B 100 -4.64 -0.50 15.90
N SER B 101 -4.07 -1.67 16.22
CA SER B 101 -2.86 -1.71 17.04
C SER B 101 -1.68 -1.13 16.28
N PHE B 102 -1.54 -1.52 15.01
CA PHE B 102 -0.54 -0.84 14.21
C PHE B 102 -0.88 0.62 14.07
N GLY B 103 -2.17 0.96 14.00
CA GLY B 103 -2.55 2.36 14.08
C GLY B 103 -1.93 3.06 15.27
N ALA B 104 -2.01 2.43 16.45
CA ALA B 104 -1.42 3.04 17.64
C ALA B 104 0.10 3.13 17.53
N PHE B 105 0.74 2.07 17.02
CA PHE B 105 2.19 2.09 16.80
C PHE B 105 2.60 3.30 15.95
N VAL B 106 1.86 3.54 14.86
CA VAL B 106 2.15 4.69 14.02
C VAL B 106 1.87 5.98 14.77
N ALA B 107 0.79 6.02 15.56
CA ALA B 107 0.44 7.23 16.31
C ALA B 107 1.55 7.63 17.28
N LYS B 108 2.15 6.64 17.95
CA LYS B 108 3.28 6.91 18.83
C LYS B 108 4.46 7.47 18.06
N HIS B 109 4.75 6.90 16.89
CA HIS B 109 5.78 7.50 16.05
C HIS B 109 5.44 8.96 15.73
N LEU B 110 4.19 9.23 15.37
CA LEU B 110 3.80 10.60 14.99
C LEU B 110 4.00 11.57 16.15
N LYS B 111 3.68 11.13 17.37
CA LYS B 111 3.92 11.98 18.54
C LYS B 111 5.42 12.22 18.73
N THR B 112 6.26 11.20 18.53
CA THR B 112 7.70 11.41 18.71
C THR B 112 8.30 12.39 17.70
N ILE B 113 7.78 12.47 16.48
CA ILE B 113 8.32 13.39 15.49
C ILE B 113 7.56 14.72 15.49
N ASN B 114 6.98 15.07 16.64
CA ASN B 114 6.20 16.29 16.83
C ASN B 114 5.23 16.51 15.67
N GLN B 115 4.39 15.51 15.45
CA GLN B 115 3.31 15.51 14.47
C GLN B 115 2.01 15.01 15.08
N GLU B 116 1.72 15.37 16.34
CA GLU B 116 0.45 15.00 16.98
C GLU B 116 -0.74 15.34 16.09
N SER B 117 -0.68 16.47 15.38
CA SER B 117 -1.76 16.88 14.50
C SER B 117 -2.12 15.83 13.43
N CYS B 118 -1.22 14.91 13.11
CA CYS B 118 -1.55 13.87 12.13
C CYS B 118 -2.31 12.69 12.71
N ILE B 119 -2.47 12.63 14.04
CA ILE B 119 -3.08 11.44 14.63
C ILE B 119 -4.55 11.35 14.25
N GLU B 120 -5.26 12.46 14.20
CA GLU B 120 -6.67 12.28 13.92
C GLU B 120 -6.95 12.00 12.45
N PRO B 121 -6.20 12.57 11.50
CA PRO B 121 -6.31 12.06 10.12
C PRO B 121 -5.97 10.58 10.01
N LEU B 122 -4.87 10.13 10.61
CA LEU B 122 -4.60 8.69 10.73
C LEU B 122 -5.84 7.91 11.16
N ALA B 123 -6.39 8.26 12.34
CA ALA B 123 -7.58 7.58 12.85
C ALA B 123 -8.71 7.60 11.82
N GLU B 124 -8.95 8.78 11.21
CA GLU B 124 -10.04 8.86 10.23
C GLU B 124 -9.79 7.89 9.09
N SER B 125 -8.55 7.84 8.59
CA SER B 125 -8.23 6.95 7.49
C SER B 125 -8.47 5.51 7.91
N ILE B 126 -8.01 5.15 9.11
CA ILE B 126 -8.21 3.79 9.57
C ILE B 126 -9.69 3.47 9.61
N THR B 127 -10.49 4.39 10.19
CA THR B 127 -11.90 4.11 10.31
C THR B 127 -12.52 3.90 8.93
N ASP B 128 -12.08 4.71 7.94
CA ASP B 128 -12.73 4.59 6.64
C ASP B 128 -12.40 3.25 6.00
N VAL B 129 -11.17 2.77 6.19
CA VAL B 129 -10.81 1.47 5.65
C VAL B 129 -11.62 0.39 6.34
N LEU B 130 -11.71 0.46 7.67
CA LEU B 130 -12.42 -0.59 8.40
C LEU B 130 -13.84 -0.72 7.88
N VAL B 131 -14.61 0.38 8.00
CA VAL B 131 -16.01 0.34 7.63
C VAL B 131 -16.15 0.07 6.14
N ARG B 132 -15.18 0.50 5.33
CA ARG B 132 -15.42 0.28 3.91
C ARG B 132 -15.17 -1.17 3.51
N THR B 133 -14.31 -1.89 4.23
CA THR B 133 -14.04 -3.23 3.77
C THR B 133 -14.79 -4.29 4.56
N LYS B 134 -15.24 -3.98 5.77
CA LYS B 134 -15.79 -5.01 6.66
C LYS B 134 -17.23 -4.71 7.08
N ARG B 135 -17.89 -3.74 6.44
CA ARG B 135 -19.24 -3.32 6.81
C ARG B 135 -20.16 -4.52 7.06
N ASP B 136 -20.37 -5.33 6.04
CA ASP B 136 -21.29 -6.45 6.16
C ASP B 136 -20.91 -7.33 7.34
N TRP B 137 -19.62 -7.67 7.42
CA TRP B 137 -19.15 -8.52 8.51
C TRP B 137 -19.43 -7.87 9.86
N LEU B 138 -19.07 -6.58 9.99
CA LEU B 138 -19.31 -5.89 11.25
C LEU B 138 -20.79 -5.94 11.62
N VAL B 139 -21.67 -5.74 10.64
CA VAL B 139 -23.09 -5.73 10.96
C VAL B 139 -23.53 -7.12 11.37
N LYS B 140 -22.95 -8.14 10.76
CA LYS B 140 -23.37 -9.49 11.08
C LYS B 140 -22.91 -9.91 12.47
N GLN B 141 -21.87 -9.29 13.02
CA GLN B 141 -21.49 -9.59 14.40
C GLN B 141 -21.98 -8.51 15.36
N ARG B 142 -22.93 -7.69 14.93
CA ARG B 142 -23.51 -6.66 15.77
C ARG B 142 -22.46 -5.67 16.28
N GLY B 143 -21.46 -5.39 15.43
CA GLY B 143 -20.54 -4.28 15.61
C GLY B 143 -19.77 -4.33 16.93
N TRP B 144 -19.53 -3.14 17.45
CA TRP B 144 -18.73 -3.03 18.67
C TRP B 144 -19.43 -3.68 19.86
N ASP B 145 -20.77 -3.82 19.84
CA ASP B 145 -21.45 -4.58 20.88
C ASP B 145 -21.09 -6.06 20.83
N GLY B 146 -20.89 -6.61 19.63
CA GLY B 146 -20.40 -7.98 19.54
C GLY B 146 -18.98 -8.11 20.02
N PHE B 147 -18.14 -7.14 19.63
CA PHE B 147 -16.75 -7.15 20.10
C PHE B 147 -16.72 -7.16 21.63
N VAL B 148 -17.41 -6.20 22.25
CA VAL B 148 -17.40 -6.06 23.71
C VAL B 148 -18.04 -7.28 24.39
N GLU B 149 -19.14 -7.78 23.83
CA GLU B 149 -19.83 -8.89 24.47
C GLU B 149 -18.97 -10.14 24.51
N PHE B 150 -18.08 -10.35 23.54
CA PHE B 150 -17.34 -11.60 23.54
C PHE B 150 -15.84 -11.46 23.79
N PHE B 151 -15.33 -10.25 23.94
CA PHE B 151 -13.90 -10.09 24.16
C PHE B 151 -13.54 -9.22 25.34
N HIS B 152 -14.51 -8.57 26.00
CA HIS B 152 -14.23 -7.73 27.15
C HIS B 152 -14.17 -8.57 28.42
N VAL B 153 -13.23 -8.20 29.30
CA VAL B 153 -13.10 -8.81 30.62
C VAL B 153 -12.84 -7.70 31.63
N GLU B 154 -13.58 -7.71 32.74
CA GLU B 154 -13.39 -6.70 33.78
C GLU B 154 -11.99 -6.82 34.39
N ASP B 155 -11.37 -5.65 34.67
CA ASP B 155 -9.97 -5.61 35.09
C ASP B 155 -9.74 -5.14 36.52
N LEU B 156 -8.58 -4.52 36.75
CA LEU B 156 -8.14 -4.14 38.09
C LEU B 156 -8.16 -2.64 38.28
C14 6AK C . 2.52 -10.87 -6.15
C11 6AK C . 4.01 -9.32 -7.46
C10 6AK C . 4.40 -5.15 -7.47
C12 6AK C . 5.19 -10.02 -7.00
C13 6AK C . 3.97 -12.21 -7.56
C01 6AK C . 1.79 -8.98 -7.66
C02 6AK C . 0.36 -9.04 -7.63
C03 6AK C . -0.32 -8.02 -8.34
CL 6AK C . -2.04 -8.03 -8.34
C04 6AK C . 0.34 -6.98 -9.03
C05 6AK C . 1.74 -6.94 -9.03
C06 6AK C . 2.48 -7.94 -8.34
C07 6AK C . 3.87 -8.15 -8.18
C08 6AK C . 4.93 -7.25 -8.74
C09 6AK C . 5.45 -6.24 -7.71
O01 6AK C . 4.25 -4.48 -8.71
O02 6AK C . 6.18 -9.43 -6.57
N01 6AK C . 5.12 -11.44 -7.08
N02 6AK C . 2.76 -9.76 -7.09
C15 6AK C . 2.74 -12.28 -6.67
N03 6AK C . -1.36 -12.03 -6.68
C16 6AK C . -1.81 -13.39 -6.92
C17 6AK C . -0.64 -11.30 -7.56
C18 6AK C . -0.25 -11.87 -8.88
C19 6AK C . -0.40 -10.06 -6.94
C20 6AK C . -1.03 -10.17 -5.67
C21 6AK C . -1.08 -9.13 -4.61
N04 6AK C . -1.62 -11.38 -5.51
C22 6AK C . 1.94 -1.06 -8.84
CL2 6AK C . 0.96 0.35 -8.86
C23 6AK C . 2.78 -1.32 -9.94
C24 6AK C . 2.84 -0.40 -11.14
C25 6AK C . 3.56 -2.50 -9.89
C26 6AK C . 3.51 -3.35 -8.79
C27 6AK C . 2.65 -3.06 -7.70
C28 6AK C . 1.85 -1.90 -7.71
C29 6AK C . 0.92 -1.52 -6.57
C30 6AK C . 8.25 -13.52 -5.13
C31 6AK C . 7.31 -12.73 -4.47
C32 6AK C . 7.34 -12.51 -3.02
O03 6AK C . 6.42 -12.09 -2.33
O04 6AK C . 8.53 -12.83 -2.51
C33 6AK C . 6.34 -12.08 -5.18
C34 6AK C . 6.22 -12.20 -6.60
C35 6AK C . 7.16 -13.02 -7.31
C36 6AK C . 8.15 -13.65 -6.55
N05 6AK C . 8.94 -14.38 -7.45
C37 6AK C . 10.08 -15.18 -7.03
C38 6AK C . 8.50 -14.24 -8.73
C39 6AK C . 7.41 -13.41 -8.67
C14 6AK D . -0.43 -9.06 8.46
C11 6AK D . -2.25 -7.54 9.23
C10 6AK D . -3.40 -3.68 8.11
C12 6AK D . -3.26 -8.53 8.90
C13 6AK D . -1.77 -10.25 10.09
C01 6AK D . -0.15 -6.72 9.43
C02 6AK D . 1.25 -6.50 9.47
C03 6AK D . 1.66 -5.22 9.86
CL 6AK D . 3.34 -4.90 9.94
C04 6AK D . 0.78 -4.19 10.23
C05 6AK D . -0.59 -4.44 10.19
C06 6AK D . -1.07 -5.71 9.78
C07 6AK D . -2.39 -6.22 9.65
C08 6AK D . -3.66 -5.45 9.93
C09 6AK D . -4.25 -4.80 8.69
O01 6AK D . -3.17 -2.76 9.16
O02 6AK D . -4.28 -8.23 8.27
N01 6AK D . -2.97 -9.86 9.34
N02 6AK D . -0.92 -7.82 9.09
C15 6AK D . -0.47 -10.32 9.29
N03 6AK D . 3.56 -9.24 9.32
C16 6AK D . 4.26 -10.41 9.84
C17 6AK D . 2.65 -8.51 10.00
C18 6AK D . 2.27 -8.85 11.41
C19 6AK D . 2.26 -7.50 9.11
C20 6AK D . 3.00 -7.74 7.93
C21 6AK D . 2.94 -6.96 6.68
N04 6AK D . 3.80 -8.81 8.07
C22 6AK D . -1.42 0.98 8.44
CL2 6AK D . -0.69 2.51 8.13
C23 6AK D . -2.30 0.84 9.55
C24 6AK D . -2.57 2.01 10.44
C25 6AK D . -2.89 -0.41 9.78
C26 6AK D . -2.63 -1.52 8.96
C27 6AK D . -1.74 -1.35 7.86
C28 6AK D . -1.13 -0.11 7.60
C29 6AK D . -0.19 0.07 6.42
C30 6AK D . -5.68 -12.93 8.15
C31 6AK D . -4.87 -12.25 7.24
C32 6AK D . -4.87 -12.57 5.80
O03 6AK D . -3.96 -12.31 5.03
O04 6AK D . -5.96 -13.25 5.42
C33 6AK D . -4.00 -11.26 7.69
C34 6AK D . -3.90 -10.90 9.06
C35 6AK D . -4.72 -11.58 10.01
C36 6AK D . -5.59 -12.57 9.53
N05 6AK D . -6.28 -13.08 10.62
C37 6AK D . -7.26 -14.13 10.50
C38 6AK D . -5.90 -12.47 11.78
C39 6AK D . -4.94 -11.54 11.42
#